data_8C9S
#
_entry.id   8C9S
#
_cell.length_a   46.398
_cell.length_b   41.596
_cell.length_c   104.207
_cell.angle_alpha   90.000
_cell.angle_beta   96.564
_cell.angle_gamma   90.000
#
_symmetry.space_group_name_H-M   'P 1 21 1'
#
loop_
_entity.id
_entity.type
_entity.pdbx_description
1 polymer 'Putative O-methyltransferase'
2 non-polymer S-ADENOSYL-L-HOMOCYSTEINE
3 non-polymer 'MAGNESIUM ION'
4 non-polymer pyrrolidin-2-one
5 water water
#
_entity_poly.entity_id   1
_entity_poly.type   'polypeptide(L)'
_entity_poly.pdbx_seq_one_letter_code
;MSESQQLWDDVDDYFTTLLAPEDEALTAALRDSDAAGLPHINVAPNQGKLLQLLAEIQGARRILEIGTLGGYSTIWLGRA
LPRDGRLISFEYDAKHAEVARRNLARAGLDGISEVRVGPALESLPKLADERPEPFDLVFIDADKVNNPHYVEWALKLTRP
GSLIVVDNVVRGGGVTDAGSTDPSVRGTRSALELIAEHPKLSGTAVQTVGSKGYDGFALARVLPLEHHHHHH
;
_entity_poly.pdbx_strand_id   A,B
#
loop_
_chem_comp.id
_chem_comp.type
_chem_comp.name
_chem_comp.formula
BAQ non-polymer pyrrolidin-2-one 'C4 H7 N O'
MG non-polymer 'MAGNESIUM ION' 'Mg 2'
SAH non-polymer S-ADENOSYL-L-HOMOCYSTEINE 'C14 H20 N6 O5 S'
#
# COMPACT_ATOMS: atom_id res chain seq x y z
N SER A 2 -8.22 -18.06 -17.53
CA SER A 2 -6.92 -18.75 -17.30
C SER A 2 -5.79 -17.94 -17.95
N GLU A 3 -5.96 -17.33 -19.12
CA GLU A 3 -4.87 -16.44 -19.66
C GLU A 3 -4.56 -15.37 -18.59
N SER A 4 -5.59 -14.71 -18.06
CA SER A 4 -5.45 -13.68 -17.01
C SER A 4 -4.77 -14.28 -15.78
N GLN A 5 -5.32 -15.37 -15.26
CA GLN A 5 -4.84 -15.96 -13.97
C GLN A 5 -3.40 -16.48 -14.14
N GLN A 6 -3.07 -17.09 -15.27
CA GLN A 6 -1.68 -17.56 -15.54
C GLN A 6 -0.75 -16.35 -15.46
N LEU A 7 -1.15 -15.23 -16.07
CA LEU A 7 -0.28 -14.02 -16.13
C LEU A 7 -0.08 -13.49 -14.69
N TRP A 8 -1.18 -13.39 -13.93
CA TRP A 8 -1.17 -12.92 -12.52
C TRP A 8 -0.29 -13.83 -11.65
N ASP A 9 -0.40 -15.16 -11.82
CA ASP A 9 0.48 -16.16 -11.16
C ASP A 9 1.96 -15.96 -11.49
N ASP A 10 2.30 -15.81 -12.77
CA ASP A 10 3.70 -15.65 -13.24
C ASP A 10 4.28 -14.36 -12.66
N VAL A 11 3.56 -13.25 -12.77
CA VAL A 11 4.03 -11.93 -12.25
C VAL A 11 4.21 -12.03 -10.72
N ASP A 12 3.25 -12.61 -9.99
CA ASP A 12 3.38 -12.75 -8.52
C ASP A 12 4.55 -13.67 -8.16
N ASP A 13 4.73 -14.76 -8.90
CA ASP A 13 5.90 -15.66 -8.65
C ASP A 13 7.21 -14.86 -8.75
N TYR A 14 7.36 -14.04 -9.78
CA TYR A 14 8.57 -13.20 -9.97
C TYR A 14 8.71 -12.26 -8.79
N PHE A 15 7.65 -11.51 -8.44
CA PHE A 15 7.68 -10.47 -7.36
C PHE A 15 7.97 -11.11 -6.02
N THR A 16 7.31 -12.22 -5.70
CA THR A 16 7.48 -12.91 -4.40
C THR A 16 8.90 -13.48 -4.27
N THR A 17 9.37 -14.24 -5.24
CA THR A 17 10.70 -14.90 -5.11
C THR A 17 11.79 -13.79 -5.02
N LEU A 18 11.58 -12.65 -5.67
CA LEU A 18 12.57 -11.56 -5.70
C LEU A 18 12.48 -10.72 -4.42
N LEU A 19 11.30 -10.25 -4.05
CA LEU A 19 11.14 -9.20 -3.01
C LEU A 19 10.62 -9.75 -1.68
N ALA A 20 9.80 -10.80 -1.70
CA ALA A 20 9.07 -11.28 -0.49
C ALA A 20 9.26 -12.79 -0.35
N PRO A 21 10.50 -13.30 -0.37
CA PRO A 21 10.73 -14.73 -0.25
C PRO A 21 10.26 -15.25 1.11
N GLU A 22 9.65 -16.44 1.09
CA GLU A 22 9.12 -17.12 2.29
C GLU A 22 10.26 -17.96 2.84
N ASP A 23 10.58 -17.81 4.13
CA ASP A 23 11.59 -18.62 4.85
C ASP A 23 10.90 -19.86 5.44
N GLU A 24 11.64 -20.69 6.21
CA GLU A 24 11.10 -21.96 6.78
C GLU A 24 9.85 -21.68 7.61
N ALA A 25 9.88 -20.67 8.49
CA ALA A 25 8.74 -20.41 9.41
C ALA A 25 7.46 -20.14 8.63
N LEU A 26 7.53 -19.44 7.50
CA LEU A 26 6.33 -19.09 6.68
C LEU A 26 5.89 -20.30 5.86
N THR A 27 6.83 -21.03 5.25
CA THR A 27 6.47 -22.22 4.44
C THR A 27 5.94 -23.33 5.34
N ALA A 28 6.51 -23.52 6.52
CA ALA A 28 6.04 -24.56 7.47
C ALA A 28 4.66 -24.18 8.01
N ALA A 29 4.38 -22.89 8.18
CA ALA A 29 3.05 -22.42 8.67
C ALA A 29 1.99 -22.85 7.65
N LEU A 30 2.24 -22.64 6.36
CA LEU A 30 1.30 -23.05 5.27
C LEU A 30 1.18 -24.57 5.25
N ARG A 31 2.32 -25.28 5.27
CA ARG A 31 2.32 -26.76 5.26
C ARG A 31 1.43 -27.27 6.41
N ASP A 32 1.67 -26.79 7.62
CA ASP A 32 0.94 -27.20 8.84
C ASP A 32 -0.53 -26.82 8.73
N SER A 33 -0.84 -25.66 8.13
CA SER A 33 -2.24 -25.22 7.88
C SER A 33 -2.95 -26.18 6.91
N ASP A 34 -2.31 -26.50 5.78
CA ASP A 34 -2.84 -27.42 4.74
C ASP A 34 -3.06 -28.81 5.36
N ALA A 35 -2.06 -29.30 6.11
CA ALA A 35 -2.04 -30.61 6.78
C ALA A 35 -3.20 -30.70 7.78
N ALA A 36 -3.59 -29.58 8.39
CA ALA A 36 -4.63 -29.57 9.46
C ALA A 36 -6.02 -29.26 8.88
N GLY A 37 -6.17 -29.19 7.55
CA GLY A 37 -7.45 -28.97 6.87
C GLY A 37 -7.93 -27.51 6.87
N LEU A 38 -7.09 -26.55 7.25
CA LEU A 38 -7.44 -25.10 7.26
C LEU A 38 -7.63 -24.65 5.81
N PRO A 39 -8.66 -23.85 5.48
CA PRO A 39 -8.79 -23.34 4.13
C PRO A 39 -7.57 -22.47 3.82
N HIS A 40 -7.05 -22.62 2.62
CA HIS A 40 -5.81 -21.95 2.20
C HIS A 40 -6.16 -20.51 1.80
N ILE A 41 -6.52 -19.65 2.74
CA ILE A 41 -7.01 -18.28 2.46
C ILE A 41 -6.13 -17.24 3.16
N ASN A 42 -4.90 -17.62 3.49
CA ASN A 42 -3.88 -16.73 4.08
C ASN A 42 -3.55 -15.63 3.07
N VAL A 43 -3.13 -14.46 3.52
CA VAL A 43 -2.61 -13.41 2.59
C VAL A 43 -1.51 -14.01 1.69
N ALA A 44 -1.41 -13.52 0.47
CA ALA A 44 -0.30 -13.88 -0.43
C ALA A 44 0.97 -13.28 0.16
N PRO A 45 2.15 -13.90 -0.08
CA PRO A 45 3.39 -13.42 0.50
C PRO A 45 3.72 -11.94 0.23
N ASN A 46 3.47 -11.45 -0.99
CA ASN A 46 3.70 -10.03 -1.36
C ASN A 46 2.77 -9.13 -0.53
N GLN A 47 1.59 -9.63 -0.17
CA GLN A 47 0.61 -8.93 0.70
C GLN A 47 1.08 -8.93 2.15
N GLY A 48 1.60 -10.07 2.64
CA GLY A 48 2.24 -10.19 3.96
C GLY A 48 3.38 -9.21 4.10
N LYS A 49 4.22 -9.12 3.07
CA LYS A 49 5.38 -8.20 3.07
C LYS A 49 4.82 -6.77 3.13
N LEU A 50 3.74 -6.46 2.39
CA LEU A 50 3.15 -5.10 2.46
C LEU A 50 2.67 -4.84 3.89
N LEU A 51 2.00 -5.79 4.54
CA LEU A 51 1.56 -5.61 5.94
C LEU A 51 2.77 -5.29 6.82
N GLN A 52 3.84 -6.09 6.68
CA GLN A 52 5.07 -5.92 7.49
C GLN A 52 5.62 -4.52 7.25
N LEU A 53 5.74 -4.12 5.99
CA LEU A 53 6.32 -2.79 5.63
C LEU A 53 5.47 -1.66 6.20
N LEU A 54 4.14 -1.76 6.16
CA LEU A 54 3.23 -0.72 6.71
CA LEU A 54 3.23 -0.72 6.71
C LEU A 54 3.45 -0.58 8.21
N ALA A 55 3.55 -1.70 8.92
CA ALA A 55 3.81 -1.72 10.37
C ALA A 55 5.18 -1.07 10.65
N GLU A 56 6.19 -1.42 9.86
CA GLU A 56 7.56 -0.86 10.01
C GLU A 56 7.53 0.67 9.78
N ILE A 57 6.90 1.13 8.70
CA ILE A 57 6.86 2.58 8.36
C ILE A 57 6.17 3.34 9.50
N GLN A 58 5.11 2.77 10.02
CA GLN A 58 4.31 3.41 11.09
C GLN A 58 5.10 3.44 12.42
N GLY A 59 6.07 2.54 12.60
CA GLY A 59 6.81 2.40 13.87
C GLY A 59 5.99 1.58 14.84
N ALA A 60 5.19 0.65 14.35
CA ALA A 60 4.26 -0.14 15.19
C ALA A 60 5.02 -0.85 16.30
N ARG A 61 4.55 -0.74 17.55
CA ARG A 61 5.02 -1.56 18.70
C ARG A 61 3.96 -2.58 19.12
N ARG A 62 2.67 -2.30 18.84
CA ARG A 62 1.48 -3.00 19.36
C ARG A 62 0.50 -3.20 18.20
N ILE A 63 0.15 -4.45 17.94
CA ILE A 63 -0.64 -4.87 16.74
C ILE A 63 -1.82 -5.72 17.19
N LEU A 64 -2.98 -5.42 16.63
CA LEU A 64 -4.22 -6.20 16.79
C LEU A 64 -4.54 -6.83 15.45
N GLU A 65 -4.79 -8.12 15.44
CA GLU A 65 -5.24 -8.84 14.23
C GLU A 65 -6.55 -9.56 14.55
N ILE A 66 -7.53 -9.39 13.68
CA ILE A 66 -8.84 -10.08 13.78
C ILE A 66 -8.88 -11.12 12.66
N GLY A 67 -8.82 -12.43 13.02
CA GLY A 67 -8.82 -13.54 12.05
C GLY A 67 -7.42 -14.09 11.83
N THR A 68 -7.02 -15.03 12.66
CA THR A 68 -5.64 -15.58 12.72
C THR A 68 -5.39 -16.65 11.65
N LEU A 69 -6.37 -17.52 11.40
CA LEU A 69 -6.26 -18.79 10.64
C LEU A 69 -5.07 -19.61 11.20
N GLY A 70 -3.98 -19.79 10.46
CA GLY A 70 -2.79 -20.49 10.95
C GLY A 70 -1.64 -19.57 11.30
N GLY A 71 -1.89 -18.24 11.43
CA GLY A 71 -0.89 -17.27 11.90
C GLY A 71 0.11 -16.88 10.82
N TYR A 72 -0.19 -17.14 9.56
CA TYR A 72 0.68 -16.71 8.43
C TYR A 72 0.79 -15.18 8.33
N SER A 73 -0.34 -14.47 8.25
CA SER A 73 -0.38 -12.99 8.30
C SER A 73 0.26 -12.52 9.60
N THR A 74 0.02 -13.27 10.68
CA THR A 74 0.47 -12.91 12.04
C THR A 74 1.99 -12.93 12.09
N ILE A 75 2.64 -13.85 11.38
CA ILE A 75 4.13 -13.97 11.38
C ILE A 75 4.68 -12.77 10.59
N TRP A 76 4.06 -12.42 9.46
CA TRP A 76 4.47 -11.21 8.69
C TRP A 76 4.41 -9.97 9.57
N LEU A 77 3.32 -9.75 10.31
CA LEU A 77 3.14 -8.53 11.14
C LEU A 77 4.08 -8.61 12.35
N GLY A 78 4.15 -9.77 12.99
CA GLY A 78 4.97 -9.96 14.20
C GLY A 78 6.43 -9.65 13.92
N ARG A 79 6.90 -9.93 12.71
CA ARG A 79 8.30 -9.68 12.32
C ARG A 79 8.60 -8.18 12.19
N ALA A 80 7.59 -7.31 12.16
CA ALA A 80 7.81 -5.84 12.22
C ALA A 80 8.11 -5.40 13.65
N LEU A 81 7.82 -6.21 14.67
CA LEU A 81 7.75 -5.67 16.05
C LEU A 81 9.12 -5.70 16.71
N PRO A 82 9.39 -4.75 17.63
CA PRO A 82 10.54 -4.82 18.52
C PRO A 82 10.38 -5.95 19.56
N ARG A 83 11.47 -6.25 20.28
CA ARG A 83 11.55 -7.45 21.16
C ARG A 83 10.55 -7.28 22.31
N ASP A 84 10.25 -6.04 22.71
CA ASP A 84 9.25 -5.72 23.77
C ASP A 84 7.91 -5.30 23.16
N GLY A 85 7.63 -5.68 21.91
CA GLY A 85 6.35 -5.39 21.23
C GLY A 85 5.26 -6.32 21.73
N ARG A 86 4.01 -6.09 21.34
CA ARG A 86 2.94 -7.07 21.62
C ARG A 86 2.01 -7.17 20.40
N LEU A 87 1.63 -8.40 20.09
CA LEU A 87 0.62 -8.70 19.07
C LEU A 87 -0.46 -9.54 19.71
N ILE A 88 -1.70 -9.09 19.60
CA ILE A 88 -2.90 -9.92 19.97
C ILE A 88 -3.68 -10.22 18.70
N SER A 89 -3.93 -11.52 18.46
CA SER A 89 -4.72 -12.04 17.33
C SER A 89 -5.96 -12.74 17.87
N PHE A 90 -7.09 -12.57 17.18
CA PHE A 90 -8.36 -13.19 17.61
C PHE A 90 -8.74 -14.23 16.58
N GLU A 91 -9.16 -15.39 17.09
CA GLU A 91 -9.53 -16.53 16.24
C GLU A 91 -10.69 -17.26 16.89
N TYR A 92 -11.75 -17.44 16.09
CA TYR A 92 -13.00 -18.10 16.53
C TYR A 92 -12.76 -19.60 16.78
N ASP A 93 -12.00 -20.25 15.90
CA ASP A 93 -11.90 -21.72 15.81
C ASP A 93 -10.70 -22.19 16.64
N ALA A 94 -10.95 -22.92 17.73
CA ALA A 94 -9.92 -23.35 18.71
C ALA A 94 -8.83 -24.16 17.99
N LYS A 95 -9.19 -24.92 16.94
CA LYS A 95 -8.29 -25.82 16.19
C LYS A 95 -7.41 -24.95 15.28
N HIS A 96 -7.99 -23.96 14.60
CA HIS A 96 -7.20 -22.90 13.91
C HIS A 96 -6.20 -22.31 14.92
N ALA A 97 -6.67 -21.94 16.12
CA ALA A 97 -5.84 -21.25 17.13
C ALA A 97 -4.65 -22.14 17.54
N GLU A 98 -4.87 -23.46 17.66
CA GLU A 98 -3.81 -24.45 18.03
C GLU A 98 -2.71 -24.41 16.96
N VAL A 99 -3.09 -24.53 15.70
CA VAL A 99 -2.16 -24.51 14.53
C VAL A 99 -1.37 -23.19 14.56
N ALA A 100 -2.09 -22.07 14.73
CA ALA A 100 -1.48 -20.72 14.67
C ALA A 100 -0.43 -20.57 15.79
N ARG A 101 -0.73 -20.99 17.01
CA ARG A 101 0.21 -20.87 18.16
C ARG A 101 1.48 -21.65 17.86
N ARG A 102 1.34 -22.86 17.35
CA ARG A 102 2.49 -23.72 16.98
C ARG A 102 3.32 -22.96 15.93
N ASN A 103 2.64 -22.38 14.94
CA ASN A 103 3.31 -21.70 13.80
C ASN A 103 4.02 -20.46 14.32
N LEU A 104 3.39 -19.72 15.25
CA LEU A 104 4.02 -18.54 15.87
C LEU A 104 5.22 -18.96 16.73
N ALA A 105 5.14 -20.07 17.46
CA ALA A 105 6.26 -20.56 18.31
C ALA A 105 7.45 -20.92 17.41
N ARG A 106 7.17 -21.55 16.26
CA ARG A 106 8.23 -21.95 15.29
C ARG A 106 8.93 -20.68 14.83
N ALA A 107 8.19 -19.60 14.58
CA ALA A 107 8.76 -18.32 14.10
C ALA A 107 9.48 -17.57 15.22
N GLY A 108 9.44 -18.05 16.48
CA GLY A 108 10.03 -17.35 17.65
C GLY A 108 9.22 -16.13 18.08
N LEU A 109 7.90 -16.13 17.87
CA LEU A 109 6.98 -15.01 18.20
C LEU A 109 6.07 -15.35 19.38
N ASP A 110 6.30 -16.49 20.04
CA ASP A 110 5.48 -16.98 21.18
C ASP A 110 5.63 -16.04 22.39
N GLY A 111 6.74 -15.33 22.52
CA GLY A 111 6.98 -14.37 23.62
C GLY A 111 6.14 -13.11 23.50
N ILE A 112 5.95 -12.57 22.28
CA ILE A 112 5.35 -11.22 22.10
C ILE A 112 3.93 -11.32 21.50
N SER A 113 3.47 -12.51 21.11
CA SER A 113 2.16 -12.74 20.46
C SER A 113 1.24 -13.58 21.37
N GLU A 114 -0.06 -13.40 21.25
CA GLU A 114 -1.12 -14.25 21.87
C GLU A 114 -2.24 -14.44 20.85
N VAL A 115 -2.85 -15.61 20.83
CA VAL A 115 -4.09 -15.93 20.05
C VAL A 115 -5.17 -16.08 21.11
N ARG A 116 -6.18 -15.24 21.06
CA ARG A 116 -7.35 -15.28 21.96
C ARG A 116 -8.50 -15.92 21.21
N VAL A 117 -9.07 -16.98 21.79
CA VAL A 117 -10.06 -17.84 21.11
C VAL A 117 -11.46 -17.32 21.43
N GLY A 118 -12.30 -17.34 20.42
CA GLY A 118 -13.73 -17.03 20.52
C GLY A 118 -14.10 -16.00 19.47
N PRO A 119 -15.40 -15.68 19.38
CA PRO A 119 -15.89 -14.70 18.42
C PRO A 119 -15.25 -13.38 18.79
N ALA A 120 -14.64 -12.69 17.83
CA ALA A 120 -13.93 -11.41 18.11
C ALA A 120 -14.86 -10.37 18.75
N LEU A 121 -16.16 -10.39 18.48
CA LEU A 121 -17.11 -9.41 19.09
C LEU A 121 -17.33 -9.69 20.58
N GLU A 122 -16.96 -10.87 21.07
CA GLU A 122 -16.87 -11.19 22.52
C GLU A 122 -15.49 -10.83 23.06
N SER A 123 -14.44 -11.15 22.30
CA SER A 123 -13.03 -10.99 22.76
C SER A 123 -12.63 -9.51 22.80
N LEU A 124 -13.12 -8.71 21.85
CA LEU A 124 -12.72 -7.28 21.78
C LEU A 124 -13.17 -6.56 23.05
N PRO A 125 -14.45 -6.63 23.46
CA PRO A 125 -14.86 -5.96 24.71
C PRO A 125 -14.09 -6.44 25.96
N LYS A 126 -13.71 -7.72 25.99
CA LYS A 126 -12.90 -8.30 27.09
C LYS A 126 -11.56 -7.59 27.13
N LEU A 127 -10.89 -7.46 25.98
CA LEU A 127 -9.59 -6.75 25.88
C LEU A 127 -9.79 -5.31 26.34
N ALA A 128 -10.83 -4.64 25.85
CA ALA A 128 -11.12 -3.23 26.23
C ALA A 128 -11.21 -3.12 27.76
N ASP A 129 -11.86 -4.08 28.44
CA ASP A 129 -12.03 -4.08 29.91
C ASP A 129 -10.68 -4.19 30.61
N GLU A 130 -9.64 -4.68 29.94
CA GLU A 130 -8.30 -4.78 30.52
C GLU A 130 -7.60 -3.43 30.45
N ARG A 131 -8.20 -2.43 29.78
CA ARG A 131 -7.65 -1.05 29.68
C ARG A 131 -6.24 -1.08 29.10
N PRO A 132 -6.02 -1.65 27.89
CA PRO A 132 -4.67 -1.80 27.36
C PRO A 132 -4.15 -0.45 26.85
N GLU A 133 -2.83 -0.27 26.70
CA GLU A 133 -2.26 0.82 25.87
C GLU A 133 -2.78 0.64 24.45
N PRO A 134 -3.12 1.74 23.74
CA PRO A 134 -3.60 1.67 22.36
C PRO A 134 -2.71 0.85 21.42
N PHE A 135 -3.29 0.34 20.36
CA PHE A 135 -2.61 -0.44 19.31
C PHE A 135 -2.26 0.48 18.14
N ASP A 136 -1.18 0.16 17.45
CA ASP A 136 -0.62 1.02 16.39
C ASP A 136 -1.19 0.60 15.05
N LEU A 137 -1.47 -0.69 14.87
CA LEU A 137 -2.02 -1.23 13.61
C LEU A 137 -3.06 -2.29 13.94
N VAL A 138 -4.20 -2.24 13.26
CA VAL A 138 -5.24 -3.29 13.34
C VAL A 138 -5.43 -3.87 11.94
N PHE A 139 -5.30 -5.18 11.83
CA PHE A 139 -5.55 -5.94 10.58
C PHE A 139 -6.85 -6.69 10.78
N ILE A 140 -7.86 -6.33 9.98
CA ILE A 140 -9.24 -6.89 10.04
C ILE A 140 -9.38 -7.85 8.87
N ASP A 141 -9.46 -9.13 9.20
CA ASP A 141 -9.38 -10.24 8.22
C ASP A 141 -10.13 -11.44 8.77
N ALA A 142 -11.34 -11.25 9.26
CA ALA A 142 -12.11 -12.36 9.84
C ALA A 142 -13.41 -12.51 9.06
N ASP A 143 -14.54 -12.53 9.75
CA ASP A 143 -15.87 -12.63 9.10
C ASP A 143 -16.27 -11.22 8.64
N LYS A 144 -16.26 -10.99 7.33
CA LYS A 144 -16.36 -9.63 6.76
C LYS A 144 -17.75 -9.03 7.04
N VAL A 145 -18.74 -9.86 7.31
CA VAL A 145 -20.07 -9.37 7.76
C VAL A 145 -19.90 -8.40 8.96
N ASN A 146 -18.97 -8.66 9.90
CA ASN A 146 -18.78 -7.89 11.15
C ASN A 146 -17.73 -6.80 10.98
N ASN A 147 -17.20 -6.60 9.77
CA ASN A 147 -16.23 -5.52 9.48
C ASN A 147 -16.64 -4.17 10.10
N PRO A 148 -17.88 -3.63 9.99
CA PRO A 148 -18.15 -2.30 10.57
C PRO A 148 -17.99 -2.33 12.11
N HIS A 149 -18.35 -3.42 12.76
CA HIS A 149 -18.19 -3.53 14.25
C HIS A 149 -16.71 -3.58 14.61
N TYR A 150 -15.89 -4.23 13.80
CA TYR A 150 -14.43 -4.36 14.05
C TYR A 150 -13.77 -3.00 13.86
N VAL A 151 -14.22 -2.21 12.89
CA VAL A 151 -13.71 -0.82 12.70
C VAL A 151 -14.10 0.01 13.92
N GLU A 152 -15.31 -0.11 14.43
CA GLU A 152 -15.73 0.68 15.64
C GLU A 152 -14.82 0.30 16.82
N TRP A 153 -14.59 -1.01 17.03
CA TRP A 153 -13.67 -1.52 18.09
C TRP A 153 -12.25 -1.01 17.83
N ALA A 154 -11.78 -0.99 16.59
CA ALA A 154 -10.43 -0.45 16.28
C ALA A 154 -10.34 1.01 16.75
N LEU A 155 -11.39 1.81 16.52
CA LEU A 155 -11.37 3.25 16.91
C LEU A 155 -11.24 3.36 18.42
N LYS A 156 -11.83 2.45 19.19
CA LYS A 156 -11.76 2.47 20.67
C LYS A 156 -10.38 2.02 21.19
N LEU A 157 -9.58 1.30 20.39
CA LEU A 157 -8.35 0.61 20.85
C LEU A 157 -7.12 1.17 20.14
N THR A 158 -7.25 2.29 19.45
CA THR A 158 -6.14 2.94 18.70
C THR A 158 -5.93 4.38 19.18
N ARG A 159 -5.03 5.10 18.56
CA ARG A 159 -4.77 6.52 18.85
C ARG A 159 -4.50 7.22 17.53
N PRO A 160 -4.37 8.57 17.53
CA PRO A 160 -4.12 9.31 16.31
C PRO A 160 -2.85 8.73 15.67
N GLY A 161 -2.89 8.47 14.36
CA GLY A 161 -1.77 7.91 13.56
C GLY A 161 -1.75 6.39 13.49
N SER A 162 -2.58 5.68 14.27
CA SER A 162 -2.75 4.21 14.12
C SER A 162 -3.29 3.91 12.72
N LEU A 163 -3.01 2.71 12.23
CA LEU A 163 -3.45 2.24 10.91
C LEU A 163 -4.49 1.16 11.11
N ILE A 164 -5.46 1.14 10.20
CA ILE A 164 -6.44 0.03 10.03
C ILE A 164 -6.31 -0.49 8.59
N VAL A 165 -6.07 -1.79 8.47
CA VAL A 165 -6.07 -2.52 7.17
C VAL A 165 -7.22 -3.51 7.15
N VAL A 166 -8.03 -3.44 6.11
CA VAL A 166 -9.15 -4.39 5.89
C VAL A 166 -8.85 -5.22 4.63
N ASP A 167 -8.78 -6.54 4.78
CA ASP A 167 -8.51 -7.44 3.65
C ASP A 167 -9.83 -7.74 2.92
N ASN A 168 -9.75 -8.12 1.64
CA ASN A 168 -10.83 -8.76 0.84
C ASN A 168 -12.03 -7.82 0.75
N VAL A 169 -11.81 -6.63 0.22
CA VAL A 169 -12.86 -5.57 0.15
C VAL A 169 -13.52 -5.54 -1.23
N VAL A 170 -13.15 -6.44 -2.14
CA VAL A 170 -13.67 -6.39 -3.53
C VAL A 170 -14.69 -7.52 -3.76
N ARG A 171 -14.52 -8.69 -3.11
CA ARG A 171 -15.49 -9.83 -3.14
C ARG A 171 -15.83 -10.20 -4.58
N GLY A 172 -14.84 -10.38 -5.45
CA GLY A 172 -15.00 -10.72 -6.87
C GLY A 172 -15.68 -9.65 -7.70
N GLY A 173 -15.87 -8.43 -7.17
CA GLY A 173 -16.62 -7.36 -7.83
C GLY A 173 -17.96 -7.15 -7.17
N GLY A 174 -18.35 -8.05 -6.27
CA GLY A 174 -19.62 -7.96 -5.52
C GLY A 174 -19.77 -6.68 -4.70
N VAL A 175 -18.67 -6.02 -4.32
CA VAL A 175 -18.72 -4.81 -3.47
C VAL A 175 -19.56 -3.70 -4.14
N THR A 176 -19.73 -3.68 -5.46
CA THR A 176 -20.51 -2.56 -6.09
C THR A 176 -22.02 -2.80 -5.99
N ASP A 177 -22.47 -3.99 -5.60
CA ASP A 177 -23.92 -4.33 -5.57
C ASP A 177 -24.51 -3.70 -4.31
N ALA A 178 -25.36 -2.68 -4.48
CA ALA A 178 -25.92 -1.88 -3.38
C ALA A 178 -27.08 -2.63 -2.72
N GLY A 179 -27.56 -3.70 -3.38
CA GLY A 179 -28.68 -4.55 -2.91
C GLY A 179 -28.25 -6.00 -2.86
N SER A 180 -27.10 -6.27 -2.23
CA SER A 180 -26.53 -7.64 -2.17
C SER A 180 -27.30 -8.44 -1.11
N THR A 181 -27.43 -9.74 -1.35
CA THR A 181 -27.97 -10.73 -0.39
C THR A 181 -26.83 -11.31 0.45
N ASP A 182 -25.59 -11.05 0.05
CA ASP A 182 -24.37 -11.60 0.71
C ASP A 182 -23.98 -10.76 1.91
N PRO A 183 -24.09 -11.29 3.14
CA PRO A 183 -23.68 -10.53 4.34
C PRO A 183 -22.20 -10.06 4.30
N SER A 184 -21.31 -10.77 3.61
CA SER A 184 -19.88 -10.37 3.56
C SER A 184 -19.75 -9.09 2.68
N VAL A 185 -20.58 -8.95 1.65
CA VAL A 185 -20.66 -7.69 0.86
C VAL A 185 -21.25 -6.58 1.73
N ARG A 186 -22.35 -6.83 2.41
CA ARG A 186 -22.99 -5.85 3.30
C ARG A 186 -21.97 -5.32 4.30
N GLY A 187 -21.21 -6.19 4.97
CA GLY A 187 -20.27 -5.75 6.02
C GLY A 187 -19.13 -4.97 5.37
N THR A 188 -18.70 -5.40 4.19
CA THR A 188 -17.58 -4.74 3.45
C THR A 188 -18.01 -3.30 3.11
N ARG A 189 -19.18 -3.13 2.46
CA ARG A 189 -19.72 -1.81 2.07
C ARG A 189 -19.93 -0.94 3.31
N SER A 190 -20.48 -1.50 4.40
CA SER A 190 -20.72 -0.74 5.65
C SER A 190 -19.41 -0.23 6.22
N ALA A 191 -18.37 -1.07 6.23
CA ALA A 191 -17.05 -0.71 6.78
C ALA A 191 -16.38 0.39 5.95
N LEU A 192 -16.42 0.27 4.62
CA LEU A 192 -15.82 1.30 3.71
C LEU A 192 -16.55 2.64 3.89
N GLU A 193 -17.88 2.61 3.97
CA GLU A 193 -18.73 3.82 4.19
C GLU A 193 -18.47 4.43 5.57
N LEU A 194 -18.25 3.58 6.57
CA LEU A 194 -17.89 4.06 7.93
C LEU A 194 -16.55 4.79 7.87
N ILE A 195 -15.52 4.20 7.23
CA ILE A 195 -14.20 4.88 7.09
C ILE A 195 -14.43 6.23 6.40
N ALA A 196 -15.18 6.25 5.29
CA ALA A 196 -15.49 7.50 4.54
C ALA A 196 -16.12 8.53 5.48
N GLU A 197 -17.23 8.18 6.14
CA GLU A 197 -18.04 9.17 6.92
C GLU A 197 -17.34 9.64 8.20
N HIS A 198 -16.59 8.76 8.87
CA HIS A 198 -16.04 9.01 10.20
C HIS A 198 -14.99 10.12 10.09
N PRO A 199 -15.15 11.25 10.82
CA PRO A 199 -14.21 12.35 10.69
C PRO A 199 -12.82 12.02 11.26
N LYS A 200 -12.67 10.96 12.06
CA LYS A 200 -11.35 10.50 12.60
C LYS A 200 -10.69 9.43 11.70
N LEU A 201 -11.26 9.08 10.54
CA LEU A 201 -10.63 8.10 9.60
C LEU A 201 -10.44 8.73 8.23
N SER A 202 -9.32 8.43 7.61
CA SER A 202 -9.01 8.81 6.21
C SER A 202 -8.39 7.59 5.53
N GLY A 203 -8.89 7.19 4.37
CA GLY A 203 -8.50 5.89 3.82
C GLY A 203 -8.44 5.87 2.32
N THR A 204 -8.07 4.72 1.79
CA THR A 204 -8.18 4.43 0.36
C THR A 204 -8.44 2.94 0.25
N ALA A 205 -8.84 2.50 -0.93
CA ALA A 205 -8.98 1.06 -1.24
C ALA A 205 -8.39 0.82 -2.63
N VAL A 206 -7.82 -0.36 -2.79
CA VAL A 206 -7.11 -0.73 -4.04
C VAL A 206 -7.54 -2.13 -4.48
N GLN A 207 -7.89 -2.25 -5.76
CA GLN A 207 -8.17 -3.55 -6.42
C GLN A 207 -6.84 -4.20 -6.78
N THR A 208 -6.69 -5.45 -6.39
CA THR A 208 -5.45 -6.23 -6.63
C THR A 208 -5.79 -7.47 -7.45
N VAL A 209 -4.80 -7.94 -8.20
CA VAL A 209 -4.81 -9.31 -8.75
C VAL A 209 -3.50 -9.98 -8.34
N GLY A 210 -3.42 -11.29 -8.51
CA GLY A 210 -2.26 -12.07 -8.05
C GLY A 210 -2.64 -13.53 -7.96
N SER A 211 -1.84 -14.30 -7.23
CA SER A 211 -2.01 -15.76 -7.02
C SER A 211 -3.37 -16.05 -6.36
N LYS A 212 -3.95 -15.09 -5.65
CA LYS A 212 -5.27 -15.34 -5.02
C LYS A 212 -6.43 -14.92 -5.92
N GLY A 213 -6.15 -14.37 -7.10
CA GLY A 213 -7.19 -13.90 -8.04
C GLY A 213 -7.52 -12.43 -7.80
N TYR A 214 -8.73 -12.04 -8.20
CA TYR A 214 -9.17 -10.63 -8.21
C TYR A 214 -9.72 -10.29 -6.84
N ASP A 215 -9.10 -9.35 -6.12
CA ASP A 215 -9.68 -8.93 -4.82
C ASP A 215 -9.19 -7.51 -4.56
N GLY A 216 -8.95 -7.15 -3.29
CA GLY A 216 -8.49 -5.81 -2.93
C GLY A 216 -8.45 -5.61 -1.43
N PHE A 217 -7.84 -4.51 -0.98
CA PHE A 217 -7.71 -4.20 0.46
C PHE A 217 -8.01 -2.70 0.68
N ALA A 218 -8.36 -2.34 1.91
CA ALA A 218 -8.44 -0.93 2.36
C ALA A 218 -7.38 -0.66 3.43
N LEU A 219 -6.88 0.58 3.42
CA LEU A 219 -5.91 1.11 4.39
C LEU A 219 -6.50 2.42 4.87
N ALA A 220 -6.61 2.57 6.18
CA ALA A 220 -7.10 3.81 6.83
C ALA A 220 -6.15 4.23 7.95
N ARG A 221 -6.04 5.53 8.19
CA ARG A 221 -5.29 6.16 9.30
C ARG A 221 -6.30 6.82 10.24
N VAL A 222 -6.06 6.70 11.54
CA VAL A 222 -6.79 7.44 12.59
C VAL A 222 -6.19 8.85 12.62
N LEU A 223 -7.01 9.87 12.36
CA LEU A 223 -6.56 11.29 12.31
C LEU A 223 -6.61 11.94 13.69
N PRO A 224 -5.76 12.95 13.99
CA PRO A 224 -6.04 13.86 15.09
C PRO A 224 -7.10 14.91 14.72
N SER B 2 -16.00 -4.67 -22.68
CA SER B 2 -15.27 -5.61 -21.77
C SER B 2 -15.86 -5.48 -20.38
N GLU B 3 -16.26 -6.64 -19.89
CA GLU B 3 -16.95 -6.80 -18.60
C GLU B 3 -15.93 -6.48 -17.51
N SER B 4 -14.70 -6.98 -17.64
CA SER B 4 -13.65 -6.81 -16.61
C SER B 4 -13.42 -5.33 -16.39
N GLN B 5 -13.07 -4.58 -17.46
CA GLN B 5 -12.81 -3.15 -17.34
C GLN B 5 -14.04 -2.42 -16.79
N GLN B 6 -15.27 -2.75 -17.21
CA GLN B 6 -16.48 -2.05 -16.71
C GLN B 6 -16.55 -2.26 -15.19
N LEU B 7 -16.32 -3.49 -14.74
CA LEU B 7 -16.39 -3.85 -13.30
C LEU B 7 -15.28 -3.07 -12.57
N TRP B 8 -14.07 -3.11 -13.13
CA TRP B 8 -12.93 -2.39 -12.51
C TRP B 8 -13.28 -0.90 -12.38
N ASP B 9 -13.85 -0.27 -13.43
CA ASP B 9 -14.29 1.14 -13.40
C ASP B 9 -15.34 1.34 -12.29
N ASP B 10 -16.35 0.49 -12.22
CA ASP B 10 -17.46 0.61 -11.24
C ASP B 10 -16.89 0.51 -9.81
N VAL B 11 -16.01 -0.46 -9.56
CA VAL B 11 -15.40 -0.63 -8.22
C VAL B 11 -14.58 0.61 -7.89
N ASP B 12 -13.79 1.10 -8.85
CA ASP B 12 -12.93 2.27 -8.61
C ASP B 12 -13.82 3.51 -8.39
N ASP B 13 -14.94 3.63 -9.10
CA ASP B 13 -15.84 4.80 -8.92
C ASP B 13 -16.38 4.77 -7.48
N TYR B 14 -16.78 3.60 -6.99
CA TYR B 14 -17.27 3.41 -5.61
C TYR B 14 -16.16 3.83 -4.63
N PHE B 15 -14.97 3.24 -4.79
CA PHE B 15 -13.84 3.48 -3.85
C PHE B 15 -13.43 4.97 -3.88
N THR B 16 -13.35 5.54 -5.08
CA THR B 16 -12.92 6.96 -5.31
C THR B 16 -13.91 7.92 -4.64
N THR B 17 -15.20 7.79 -4.96
CA THR B 17 -16.26 8.70 -4.46
C THR B 17 -16.28 8.63 -2.91
N LEU B 18 -16.09 7.44 -2.35
CA LEU B 18 -16.14 7.19 -0.90
C LEU B 18 -14.87 7.69 -0.19
N LEU B 19 -13.71 7.24 -0.64
CA LEU B 19 -12.45 7.28 0.16
C LEU B 19 -11.48 8.31 -0.41
N ALA B 20 -11.45 8.51 -1.71
CA ALA B 20 -10.45 9.35 -2.39
C ALA B 20 -11.10 10.36 -3.32
N PRO B 21 -12.04 11.19 -2.82
CA PRO B 21 -12.72 12.15 -3.66
C PRO B 21 -11.75 13.26 -4.11
N GLU B 22 -11.89 13.68 -5.35
CA GLU B 22 -11.08 14.76 -5.96
C GLU B 22 -11.80 16.08 -5.69
N ASP B 23 -11.18 17.00 -4.97
CA ASP B 23 -11.71 18.38 -4.82
C ASP B 23 -11.49 19.11 -6.15
N GLU B 24 -11.84 20.39 -6.22
CA GLU B 24 -11.83 21.10 -7.51
C GLU B 24 -10.37 21.25 -7.96
N ALA B 25 -9.40 21.40 -7.05
CA ALA B 25 -7.99 21.61 -7.45
C ALA B 25 -7.49 20.39 -8.23
N LEU B 26 -7.89 19.17 -7.82
CA LEU B 26 -7.52 17.91 -8.51
C LEU B 26 -8.30 17.75 -9.83
N THR B 27 -9.60 17.98 -9.82
CA THR B 27 -10.43 17.92 -11.04
C THR B 27 -9.87 18.92 -12.05
N ALA B 28 -9.58 20.15 -11.62
CA ALA B 28 -9.11 21.21 -12.54
C ALA B 28 -7.73 20.84 -13.09
N ALA B 29 -6.87 20.23 -12.28
CA ALA B 29 -5.55 19.79 -12.74
C ALA B 29 -5.72 18.81 -13.92
N LEU B 30 -6.68 17.88 -13.83
CA LEU B 30 -6.92 16.91 -14.93
C LEU B 30 -7.52 17.63 -16.14
N ARG B 31 -8.50 18.49 -15.93
CA ARG B 31 -9.15 19.25 -17.04
C ARG B 31 -8.07 20.05 -17.80
N ASP B 32 -7.18 20.74 -17.10
CA ASP B 32 -6.08 21.54 -17.70
C ASP B 32 -5.06 20.62 -18.40
N SER B 33 -4.74 19.46 -17.83
CA SER B 33 -3.81 18.49 -18.48
C SER B 33 -4.41 18.02 -19.81
N ASP B 34 -5.68 17.60 -19.80
CA ASP B 34 -6.40 17.15 -21.03
C ASP B 34 -6.43 18.31 -22.03
N ALA B 35 -6.69 19.53 -21.57
CA ALA B 35 -6.85 20.76 -22.39
C ALA B 35 -5.56 21.03 -23.16
N ALA B 36 -4.42 20.88 -22.50
CA ALA B 36 -3.08 21.17 -23.06
C ALA B 36 -2.61 19.95 -23.88
N GLY B 37 -3.37 18.87 -23.92
CA GLY B 37 -3.01 17.67 -24.69
C GLY B 37 -1.95 16.79 -24.03
N LEU B 38 -1.76 16.86 -22.70
CA LEU B 38 -0.88 15.88 -21.99
C LEU B 38 -1.56 14.52 -22.08
N PRO B 39 -0.81 13.41 -22.15
CA PRO B 39 -1.39 12.08 -22.08
C PRO B 39 -2.05 11.87 -20.70
N HIS B 40 -3.21 11.22 -20.71
CA HIS B 40 -4.01 11.00 -19.48
C HIS B 40 -3.43 9.78 -18.74
N ILE B 41 -2.22 9.91 -18.19
CA ILE B 41 -1.49 8.78 -17.56
C ILE B 41 -1.15 9.14 -16.10
N ASN B 42 -1.82 10.15 -15.56
CA ASN B 42 -1.73 10.50 -14.12
C ASN B 42 -2.10 9.26 -13.29
N VAL B 43 -1.64 9.19 -12.04
CA VAL B 43 -2.13 8.13 -11.09
C VAL B 43 -3.66 8.26 -10.97
N ALA B 44 -4.34 7.15 -10.77
CA ALA B 44 -5.77 7.08 -10.44
C ALA B 44 -5.96 7.70 -9.07
N PRO B 45 -7.13 8.32 -8.79
CA PRO B 45 -7.34 9.03 -7.53
C PRO B 45 -7.07 8.17 -6.29
N ASN B 46 -7.47 6.89 -6.32
CA ASN B 46 -7.28 5.99 -5.15
C ASN B 46 -5.79 5.71 -4.97
N GLN B 47 -5.00 5.73 -6.05
CA GLN B 47 -3.53 5.57 -5.97
C GLN B 47 -2.90 6.86 -5.45
N GLY B 48 -3.38 8.02 -5.92
CA GLY B 48 -3.01 9.33 -5.37
C GLY B 48 -3.24 9.40 -3.87
N LYS B 49 -4.40 8.94 -3.40
CA LYS B 49 -4.75 8.92 -1.96
C LYS B 49 -3.81 7.96 -1.21
N LEU B 50 -3.44 6.83 -1.81
CA LEU B 50 -2.44 5.93 -1.19
C LEU B 50 -1.11 6.64 -1.02
N LEU B 51 -0.62 7.35 -2.06
CA LEU B 51 0.60 8.18 -1.95
C LEU B 51 0.48 9.16 -0.78
N GLN B 52 -0.64 9.88 -0.72
CA GLN B 52 -0.85 10.90 0.34
C GLN B 52 -0.82 10.17 1.69
N LEU B 53 -1.50 9.03 1.80
CA LEU B 53 -1.51 8.33 3.11
C LEU B 53 -0.11 7.86 3.50
N LEU B 54 0.65 7.32 2.55
CA LEU B 54 2.03 6.84 2.83
CA LEU B 54 2.03 6.84 2.84
C LEU B 54 2.89 8.02 3.29
N ALA B 55 2.79 9.16 2.62
CA ALA B 55 3.51 10.38 3.05
C ALA B 55 3.08 10.81 4.46
N GLU B 56 1.79 10.69 4.80
CA GLU B 56 1.30 11.09 6.14
C GLU B 56 1.77 10.08 7.19
N ILE B 57 1.77 8.79 6.87
CA ILE B 57 2.20 7.71 7.81
C ILE B 57 3.68 7.94 8.11
N GLN B 58 4.45 8.29 7.09
CA GLN B 58 5.89 8.64 7.18
C GLN B 58 6.13 9.92 8.02
N GLY B 59 5.16 10.83 8.10
CA GLY B 59 5.32 12.19 8.63
C GLY B 59 6.23 12.98 7.71
N ALA B 60 6.19 12.67 6.42
CA ALA B 60 7.12 13.26 5.42
C ALA B 60 7.04 14.78 5.47
N ARG B 61 8.21 15.37 5.37
CA ARG B 61 8.42 16.83 5.30
C ARG B 61 9.04 17.17 3.95
N ARG B 62 9.78 16.24 3.35
CA ARG B 62 10.52 16.51 2.09
C ARG B 62 10.28 15.34 1.14
N ILE B 63 9.76 15.65 -0.05
CA ILE B 63 9.37 14.62 -1.05
C ILE B 63 10.08 14.92 -2.36
N LEU B 64 10.59 13.87 -2.97
CA LEU B 64 11.23 13.91 -4.31
C LEU B 64 10.33 13.14 -5.25
N GLU B 65 10.00 13.76 -6.38
CA GLU B 65 9.15 13.11 -7.40
C GLU B 65 9.90 13.14 -8.72
N ILE B 66 10.00 12.01 -9.38
CA ILE B 66 10.58 11.96 -10.74
C ILE B 66 9.45 11.64 -11.72
N GLY B 67 9.09 12.61 -12.56
CA GLY B 67 7.97 12.49 -13.53
C GLY B 67 6.74 13.24 -13.06
N THR B 68 6.59 14.51 -13.43
CA THR B 68 5.54 15.42 -12.89
C THR B 68 4.24 15.31 -13.71
N LEU B 69 4.36 15.18 -15.03
CA LEU B 69 3.26 15.37 -16.02
C LEU B 69 2.55 16.71 -15.72
N GLY B 70 1.29 16.69 -15.28
CA GLY B 70 0.53 17.92 -14.95
C GLY B 70 0.41 18.16 -13.45
N GLY B 71 1.20 17.46 -12.64
CA GLY B 71 1.26 17.68 -11.19
C GLY B 71 0.11 17.04 -10.42
N TYR B 72 -0.64 16.13 -11.01
CA TYR B 72 -1.75 15.45 -10.29
C TYR B 72 -1.24 14.65 -9.09
N SER B 73 -0.35 13.66 -9.30
CA SER B 73 0.33 12.96 -8.18
C SER B 73 0.99 13.99 -7.21
N THR B 74 1.55 15.06 -7.75
CA THR B 74 2.33 16.06 -6.97
C THR B 74 1.38 16.74 -5.97
N ILE B 75 0.13 16.96 -6.35
CA ILE B 75 -0.87 17.61 -5.46
C ILE B 75 -1.23 16.61 -4.34
N TRP B 76 -1.49 15.36 -4.66
CA TRP B 76 -1.77 14.34 -3.60
C TRP B 76 -0.63 14.33 -2.58
N LEU B 77 0.61 14.28 -3.06
CA LEU B 77 1.82 14.17 -2.20
C LEU B 77 2.01 15.49 -1.43
N GLY B 78 1.85 16.63 -2.11
CA GLY B 78 2.15 17.97 -1.55
C GLY B 78 1.22 18.28 -0.41
N ARG B 79 0.02 17.71 -0.43
CA ARG B 79 -1.00 17.95 0.62
C ARG B 79 -0.61 17.29 1.95
N ALA B 80 0.36 16.37 1.97
CA ALA B 80 0.86 15.76 3.22
C ALA B 80 1.93 16.66 3.88
N LEU B 81 2.38 17.73 3.21
CA LEU B 81 3.59 18.46 3.65
C LEU B 81 3.25 19.59 4.61
N PRO B 82 4.17 19.91 5.55
CA PRO B 82 4.04 21.09 6.41
C PRO B 82 4.44 22.36 5.66
N ARG B 83 4.14 23.50 6.27
CA ARG B 83 4.46 24.86 5.74
C ARG B 83 5.97 25.01 5.47
N ASP B 84 6.85 24.27 6.17
CA ASP B 84 8.32 24.35 5.97
C ASP B 84 8.79 23.15 5.12
N GLY B 85 7.86 22.40 4.56
CA GLY B 85 8.17 21.21 3.75
C GLY B 85 8.65 21.58 2.36
N ARG B 86 9.00 20.58 1.57
CA ARG B 86 9.46 20.86 0.20
C ARG B 86 9.21 19.64 -0.66
N LEU B 87 8.60 19.85 -1.82
CA LEU B 87 8.46 18.82 -2.85
C LEU B 87 9.21 19.29 -4.07
N ILE B 88 10.21 18.53 -4.47
CA ILE B 88 10.97 18.81 -5.71
C ILE B 88 10.59 17.73 -6.70
N SER B 89 10.05 18.15 -7.84
CA SER B 89 9.56 17.24 -8.92
C SER B 89 10.37 17.52 -10.17
N PHE B 90 10.64 16.49 -10.95
CA PHE B 90 11.49 16.57 -12.16
C PHE B 90 10.64 16.20 -13.37
N GLU B 91 10.71 17.01 -14.42
CA GLU B 91 9.83 16.86 -15.60
C GLU B 91 10.64 17.18 -16.85
N TYR B 92 10.72 16.23 -17.75
CA TYR B 92 11.48 16.36 -19.02
C TYR B 92 10.91 17.50 -19.87
N ASP B 93 9.60 17.55 -20.04
CA ASP B 93 8.91 18.38 -21.05
C ASP B 93 8.56 19.75 -20.41
N ALA B 94 9.08 20.85 -20.98
CA ALA B 94 8.85 22.23 -20.50
C ALA B 94 7.36 22.58 -20.49
N LYS B 95 6.62 22.08 -21.45
CA LYS B 95 5.15 22.34 -21.54
C LYS B 95 4.44 21.61 -20.38
N HIS B 96 4.80 20.35 -20.13
CA HIS B 96 4.26 19.58 -18.98
C HIS B 96 4.53 20.40 -17.73
N ALA B 97 5.76 20.88 -17.59
CA ALA B 97 6.19 21.63 -16.38
C ALA B 97 5.31 22.87 -16.21
N GLU B 98 5.03 23.63 -17.29
CA GLU B 98 4.20 24.86 -17.19
C GLU B 98 2.81 24.49 -16.65
N VAL B 99 2.19 23.45 -17.23
CA VAL B 99 0.84 23.01 -16.80
C VAL B 99 0.91 22.70 -15.31
N ALA B 100 1.90 21.91 -14.88
CA ALA B 100 2.04 21.40 -13.51
C ALA B 100 2.22 22.56 -12.55
N ARG B 101 3.00 23.56 -12.92
CA ARG B 101 3.21 24.74 -12.03
C ARG B 101 1.91 25.51 -11.82
N ARG B 102 1.09 25.66 -12.86
CA ARG B 102 -0.21 26.35 -12.76
C ARG B 102 -1.13 25.52 -11.88
N ASN B 103 -1.13 24.21 -12.08
CA ASN B 103 -2.00 23.28 -11.30
C ASN B 103 -1.61 23.27 -9.82
N LEU B 104 -0.32 23.29 -9.52
CA LEU B 104 0.19 23.31 -8.12
C LEU B 104 -0.12 24.65 -7.45
N ALA B 105 0.01 25.77 -8.18
CA ALA B 105 -0.34 27.12 -7.71
C ALA B 105 -1.84 27.16 -7.36
N ARG B 106 -2.67 26.55 -8.20
CA ARG B 106 -4.14 26.52 -7.96
C ARG B 106 -4.44 25.75 -6.68
N ALA B 107 -3.68 24.69 -6.37
CA ALA B 107 -3.84 23.90 -5.13
C ALA B 107 -3.19 24.58 -3.92
N GLY B 108 -2.60 25.77 -4.04
CA GLY B 108 -1.91 26.46 -2.92
C GLY B 108 -0.55 25.89 -2.56
N LEU B 109 0.12 25.15 -3.47
CA LEU B 109 1.38 24.43 -3.19
C LEU B 109 2.58 25.11 -3.82
N ASP B 110 2.38 26.27 -4.47
CA ASP B 110 3.48 27.02 -5.15
C ASP B 110 4.63 27.28 -4.17
N GLY B 111 4.31 27.61 -2.92
CA GLY B 111 5.30 28.02 -1.91
C GLY B 111 6.20 26.89 -1.45
N ILE B 112 5.80 25.62 -1.59
CA ILE B 112 6.61 24.50 -1.03
C ILE B 112 6.99 23.51 -2.13
N SER B 113 6.71 23.81 -3.39
CA SER B 113 6.98 22.85 -4.49
C SER B 113 7.82 23.54 -5.54
N GLU B 114 8.55 22.73 -6.30
CA GLU B 114 9.40 23.16 -7.43
C GLU B 114 9.21 22.11 -8.51
N VAL B 115 9.19 22.53 -9.76
CA VAL B 115 9.31 21.62 -10.92
C VAL B 115 10.55 22.01 -11.70
N ARG B 116 11.54 21.12 -11.75
CA ARG B 116 12.82 21.37 -12.43
C ARG B 116 12.81 20.64 -13.76
N VAL B 117 13.06 21.37 -14.84
CA VAL B 117 12.81 20.88 -16.22
C VAL B 117 14.10 20.23 -16.73
N GLY B 118 13.95 19.21 -17.55
CA GLY B 118 15.11 18.54 -18.17
C GLY B 118 15.11 17.07 -17.81
N PRO B 119 15.97 16.28 -18.47
CA PRO B 119 16.11 14.86 -18.15
C PRO B 119 16.51 14.78 -16.67
N ALA B 120 15.80 13.95 -15.90
CA ALA B 120 16.03 13.79 -14.45
C ALA B 120 17.50 13.38 -14.17
N LEU B 121 18.11 12.57 -15.03
CA LEU B 121 19.50 12.09 -14.78
C LEU B 121 20.50 13.25 -14.98
N GLU B 122 20.12 14.36 -15.60
CA GLU B 122 20.94 15.60 -15.63
C GLU B 122 20.57 16.52 -14.47
N SER B 123 19.28 16.59 -14.13
CA SER B 123 18.81 17.51 -13.05
C SER B 123 19.20 16.98 -11.66
N LEU B 124 19.17 15.66 -11.44
CA LEU B 124 19.43 15.08 -10.09
C LEU B 124 20.86 15.38 -9.64
N PRO B 125 21.91 15.22 -10.47
CA PRO B 125 23.26 15.57 -10.01
C PRO B 125 23.37 17.07 -9.66
N LYS B 126 22.59 17.93 -10.31
CA LYS B 126 22.63 19.38 -10.02
C LYS B 126 21.94 19.64 -8.68
N LEU B 127 20.89 18.88 -8.35
CA LEU B 127 20.26 18.94 -7.01
C LEU B 127 21.29 18.49 -5.98
N ALA B 128 21.95 17.35 -6.21
CA ALA B 128 22.92 16.79 -5.25
C ALA B 128 24.02 17.83 -4.96
N ASP B 129 24.45 18.60 -5.96
CA ASP B 129 25.49 19.67 -5.84
C ASP B 129 25.03 20.74 -4.83
N GLU B 130 23.74 20.88 -4.54
CA GLU B 130 23.21 21.89 -3.57
C GLU B 130 23.28 21.37 -2.13
N ARG B 131 23.71 20.12 -1.91
CA ARG B 131 23.81 19.51 -0.55
C ARG B 131 22.43 19.61 0.12
N PRO B 132 21.38 19.07 -0.53
CA PRO B 132 20.04 19.06 0.05
C PRO B 132 19.96 18.20 1.32
N GLU B 133 19.09 18.62 2.25
CA GLU B 133 18.57 17.77 3.33
C GLU B 133 18.00 16.51 2.70
N PRO B 134 18.12 15.35 3.37
CA PRO B 134 17.53 14.11 2.85
C PRO B 134 16.02 14.25 2.62
N PHE B 135 15.48 13.41 1.75
CA PHE B 135 14.04 13.31 1.44
C PHE B 135 13.44 12.13 2.21
N ASP B 136 12.17 12.23 2.57
CA ASP B 136 11.44 11.25 3.41
C ASP B 136 10.68 10.26 2.52
N LEU B 137 10.27 10.70 1.34
CA LEU B 137 9.55 9.84 0.37
C LEU B 137 9.99 10.25 -1.04
N VAL B 138 10.30 9.24 -1.84
CA VAL B 138 10.63 9.40 -3.27
C VAL B 138 9.62 8.64 -4.12
N PHE B 139 8.96 9.34 -5.03
CA PHE B 139 7.98 8.74 -5.97
C PHE B 139 8.62 8.72 -7.35
N ILE B 140 8.87 7.53 -7.88
CA ILE B 140 9.53 7.35 -9.19
C ILE B 140 8.46 6.96 -10.21
N ASP B 141 8.24 7.86 -11.16
CA ASP B 141 7.15 7.72 -12.16
C ASP B 141 7.47 8.47 -13.47
N ALA B 142 8.63 8.20 -14.08
CA ALA B 142 9.08 8.92 -15.28
C ALA B 142 9.33 7.90 -16.41
N ASP B 143 10.50 7.95 -17.05
CA ASP B 143 10.90 6.92 -18.06
C ASP B 143 11.36 5.67 -17.29
N LYS B 144 10.63 4.56 -17.41
CA LYS B 144 10.86 3.38 -16.56
C LYS B 144 12.20 2.73 -16.94
N VAL B 145 12.70 2.95 -18.14
CA VAL B 145 14.05 2.45 -18.54
C VAL B 145 15.07 2.86 -17.46
N ASN B 146 14.94 4.06 -16.89
CA ASN B 146 15.93 4.67 -15.99
C ASN B 146 15.59 4.40 -14.53
N ASN B 147 14.54 3.64 -14.25
CA ASN B 147 14.21 3.25 -12.86
C ASN B 147 15.44 2.89 -12.00
N PRO B 148 16.40 2.02 -12.41
CA PRO B 148 17.43 1.57 -11.47
C PRO B 148 18.30 2.77 -11.06
N HIS B 149 18.50 3.72 -11.97
CA HIS B 149 19.35 4.89 -11.74
C HIS B 149 18.58 5.82 -10.82
N TYR B 150 17.26 5.87 -10.94
CA TYR B 150 16.42 6.72 -10.05
C TYR B 150 16.43 6.11 -8.63
N VAL B 151 16.41 4.79 -8.52
CA VAL B 151 16.51 4.10 -7.20
C VAL B 151 17.89 4.38 -6.58
N GLU B 152 18.97 4.39 -7.37
CA GLU B 152 20.33 4.69 -6.87
C GLU B 152 20.34 6.14 -6.37
N TRP B 153 19.76 7.07 -7.13
CA TRP B 153 19.67 8.48 -6.72
C TRP B 153 18.88 8.60 -5.42
N ALA B 154 17.75 7.90 -5.32
CA ALA B 154 16.93 7.84 -4.10
C ALA B 154 17.80 7.47 -2.90
N LEU B 155 18.61 6.43 -3.03
CA LEU B 155 19.49 5.96 -1.90
C LEU B 155 20.45 7.07 -1.50
N LYS B 156 20.97 7.83 -2.46
CA LYS B 156 21.93 8.94 -2.15
C LYS B 156 21.19 10.12 -1.51
N LEU B 157 19.88 10.29 -1.72
CA LEU B 157 19.15 11.51 -1.31
C LEU B 157 18.17 11.26 -0.14
N THR B 158 18.24 10.08 0.50
CA THR B 158 17.29 9.69 1.58
C THR B 158 18.05 9.40 2.87
N ARG B 159 17.34 8.94 3.89
CA ARG B 159 17.92 8.47 5.15
C ARG B 159 17.23 7.16 5.51
N PRO B 160 17.71 6.50 6.57
CA PRO B 160 17.10 5.31 7.10
C PRO B 160 15.62 5.60 7.39
N GLY B 161 14.77 4.71 6.89
CA GLY B 161 13.31 4.80 7.11
C GLY B 161 12.62 5.61 6.04
N SER B 162 13.36 6.26 5.13
CA SER B 162 12.74 6.87 3.93
C SER B 162 11.99 5.79 3.15
N LEU B 163 11.01 6.21 2.33
CA LEU B 163 10.18 5.32 1.51
C LEU B 163 10.39 5.66 0.05
N ILE B 164 10.48 4.65 -0.81
CA ILE B 164 10.55 4.79 -2.29
C ILE B 164 9.35 4.07 -2.85
N VAL B 165 8.61 4.75 -3.70
CA VAL B 165 7.49 4.14 -4.45
C VAL B 165 7.81 4.18 -5.93
N VAL B 166 7.66 3.04 -6.59
CA VAL B 166 7.88 2.94 -8.05
C VAL B 166 6.55 2.58 -8.70
N ASP B 167 6.08 3.41 -9.62
CA ASP B 167 4.81 3.16 -10.35
C ASP B 167 5.08 2.27 -11.56
N ASN B 168 4.03 1.57 -12.01
CA ASN B 168 3.93 0.91 -13.34
C ASN B 168 5.00 -0.18 -13.44
N VAL B 169 4.99 -1.14 -12.51
CA VAL B 169 6.07 -2.16 -12.47
C VAL B 169 5.62 -3.48 -13.14
N VAL B 170 4.44 -3.53 -13.77
CA VAL B 170 3.89 -4.83 -14.29
C VAL B 170 4.13 -4.89 -15.81
N ARG B 171 4.10 -3.76 -16.51
CA ARG B 171 4.37 -3.64 -17.98
C ARG B 171 3.50 -4.65 -18.76
N GLY B 172 2.19 -4.71 -18.48
CA GLY B 172 1.23 -5.61 -19.16
C GLY B 172 1.52 -7.08 -18.92
N GLY B 173 2.37 -7.39 -17.94
CA GLY B 173 2.86 -8.74 -17.67
C GLY B 173 4.23 -8.98 -18.24
N GLY B 174 4.75 -8.05 -19.06
CA GLY B 174 6.07 -8.13 -19.71
C GLY B 174 7.21 -8.27 -18.71
N VAL B 175 7.01 -7.87 -17.45
CA VAL B 175 8.08 -7.72 -16.43
C VAL B 175 8.75 -9.08 -16.17
N THR B 176 8.09 -10.20 -16.44
CA THR B 176 8.62 -11.55 -16.15
C THR B 176 9.52 -12.07 -17.29
N ASP B 177 9.61 -11.37 -18.41
CA ASP B 177 10.45 -11.83 -19.55
C ASP B 177 11.91 -11.41 -19.28
N ALA B 178 12.78 -12.36 -19.00
CA ALA B 178 14.22 -12.12 -18.75
C ALA B 178 14.93 -11.65 -20.03
N GLY B 179 14.34 -11.90 -21.20
CA GLY B 179 14.98 -11.60 -22.49
C GLY B 179 14.30 -10.47 -23.20
N SER B 180 13.66 -9.57 -22.47
CA SER B 180 12.77 -8.52 -23.02
C SER B 180 13.57 -7.59 -23.92
N THR B 181 12.96 -7.16 -25.02
CA THR B 181 13.50 -6.09 -25.90
C THR B 181 12.92 -4.74 -25.47
N ASP B 182 12.03 -4.70 -24.48
CA ASP B 182 11.32 -3.46 -24.07
C ASP B 182 12.15 -2.75 -23.01
N PRO B 183 12.73 -1.54 -23.28
CA PRO B 183 13.55 -0.85 -22.28
C PRO B 183 12.82 -0.60 -20.95
N SER B 184 11.50 -0.40 -20.98
CA SER B 184 10.67 -0.15 -19.77
C SER B 184 10.66 -1.41 -18.91
N VAL B 185 10.60 -2.57 -19.54
CA VAL B 185 10.66 -3.86 -18.81
C VAL B 185 12.05 -4.01 -18.20
N ARG B 186 13.09 -3.68 -18.96
CA ARG B 186 14.49 -3.92 -18.54
C ARG B 186 14.80 -3.00 -17.34
N GLY B 187 14.33 -1.76 -17.38
CA GLY B 187 14.54 -0.81 -16.28
C GLY B 187 13.74 -1.26 -15.07
N THR B 188 12.53 -1.72 -15.29
CA THR B 188 11.68 -2.21 -14.18
C THR B 188 12.38 -3.43 -13.52
N ARG B 189 12.76 -4.44 -14.29
CA ARG B 189 13.44 -5.63 -13.71
C ARG B 189 14.70 -5.20 -12.96
N SER B 190 15.53 -4.30 -13.51
CA SER B 190 16.80 -3.88 -12.87
C SER B 190 16.50 -3.18 -11.54
N ALA B 191 15.51 -2.28 -11.49
CA ALA B 191 15.15 -1.57 -10.25
C ALA B 191 14.62 -2.57 -9.20
N LEU B 192 13.81 -3.55 -9.60
CA LEU B 192 13.30 -4.53 -8.60
C LEU B 192 14.45 -5.38 -8.05
N GLU B 193 15.37 -5.80 -8.90
CA GLU B 193 16.55 -6.60 -8.47
C GLU B 193 17.44 -5.76 -7.56
N LEU B 194 17.54 -4.45 -7.83
CA LEU B 194 18.37 -3.54 -7.00
C LEU B 194 17.73 -3.42 -5.60
N ILE B 195 16.41 -3.30 -5.52
CA ILE B 195 15.68 -3.31 -4.23
C ILE B 195 15.97 -4.64 -3.50
N ALA B 196 15.90 -5.78 -4.19
CA ALA B 196 16.09 -7.10 -3.56
C ALA B 196 17.52 -7.20 -3.02
N GLU B 197 18.52 -6.91 -3.85
CA GLU B 197 19.94 -7.16 -3.53
C GLU B 197 20.50 -6.14 -2.54
N HIS B 198 20.04 -4.89 -2.55
CA HIS B 198 20.67 -3.83 -1.75
C HIS B 198 20.38 -4.06 -0.26
N PRO B 199 21.40 -4.12 0.60
CA PRO B 199 21.16 -4.33 2.03
C PRO B 199 20.41 -3.16 2.66
N LYS B 200 20.41 -1.99 2.03
CA LYS B 200 19.69 -0.79 2.58
C LYS B 200 18.25 -0.77 2.07
N LEU B 201 17.79 -1.76 1.29
CA LEU B 201 16.41 -1.72 0.76
C LEU B 201 15.65 -2.98 1.07
N SER B 202 14.38 -2.81 1.43
CA SER B 202 13.43 -3.92 1.62
C SER B 202 12.08 -3.53 1.01
N GLY B 203 11.51 -4.34 0.14
CA GLY B 203 10.29 -3.94 -0.57
C GLY B 203 9.33 -5.05 -0.87
N THR B 204 8.27 -4.65 -1.56
CA THR B 204 7.25 -5.55 -2.14
C THR B 204 6.70 -4.89 -3.40
N ALA B 205 5.94 -5.68 -4.14
CA ALA B 205 5.25 -5.20 -5.34
C ALA B 205 3.88 -5.85 -5.37
N VAL B 206 2.90 -5.10 -5.87
CA VAL B 206 1.47 -5.50 -5.87
C VAL B 206 0.93 -5.26 -7.27
N GLN B 207 0.27 -6.26 -7.84
CA GLN B 207 -0.50 -6.11 -9.10
C GLN B 207 -1.85 -5.46 -8.79
N THR B 208 -2.23 -4.46 -9.58
CA THR B 208 -3.47 -3.69 -9.38
C THR B 208 -4.32 -3.74 -10.65
N VAL B 209 -5.61 -3.57 -10.46
CA VAL B 209 -6.54 -3.23 -11.56
C VAL B 209 -7.36 -2.02 -11.09
N GLY B 210 -8.09 -1.44 -12.00
CA GLY B 210 -8.93 -0.26 -11.75
C GLY B 210 -9.13 0.51 -13.02
N SER B 211 -9.36 1.82 -12.90
CA SER B 211 -9.70 2.72 -14.03
C SER B 211 -8.55 2.75 -15.05
N LYS B 212 -7.32 2.49 -14.65
CA LYS B 212 -6.16 2.52 -15.57
C LYS B 212 -5.87 1.12 -16.13
N GLY B 213 -6.69 0.12 -15.81
CA GLY B 213 -6.49 -1.27 -16.25
C GLY B 213 -5.46 -1.99 -15.42
N TYR B 214 -4.89 -3.06 -15.98
CA TYR B 214 -3.96 -3.98 -15.28
C TYR B 214 -2.58 -3.36 -15.17
N ASP B 215 -2.07 -3.18 -13.95
CA ASP B 215 -0.72 -2.62 -13.72
C ASP B 215 -0.21 -3.03 -12.33
N GLY B 216 0.65 -2.22 -11.74
CA GLY B 216 1.11 -2.47 -10.36
C GLY B 216 2.19 -1.52 -9.93
N PHE B 217 2.54 -1.58 -8.66
CA PHE B 217 3.54 -0.67 -8.07
C PHE B 217 4.45 -1.45 -7.12
N ALA B 218 5.59 -0.85 -6.83
CA ALA B 218 6.53 -1.34 -5.81
C ALA B 218 6.70 -0.29 -4.73
N LEU B 219 6.96 -0.75 -3.52
CA LEU B 219 7.14 0.09 -2.33
C LEU B 219 8.40 -0.47 -1.67
N ALA B 220 9.37 0.38 -1.40
CA ALA B 220 10.62 -0.03 -0.73
C ALA B 220 10.89 0.91 0.43
N ARG B 221 11.35 0.36 1.55
CA ARG B 221 11.82 1.12 2.72
C ARG B 221 13.34 1.12 2.78
N VAL B 222 13.92 2.29 3.05
CA VAL B 222 15.37 2.40 3.33
C VAL B 222 15.66 1.87 4.75
N LEU B 223 16.58 0.91 4.83
CA LEU B 223 17.04 0.32 6.12
C LEU B 223 18.36 0.96 6.56
N PRO B 224 18.54 1.12 7.88
CA PRO B 224 19.84 1.49 8.47
C PRO B 224 21.11 0.85 7.89
N SAH C . -5.29 -13.35 8.54
CA SAH C . -5.11 -14.77 8.06
CB SAH C . -6.35 -15.24 7.31
CG SAH C . -7.62 -15.25 8.18
SD SAH C . -8.89 -16.28 7.43
C SAH C . -3.90 -14.84 7.10
O SAH C . -3.85 -13.97 6.22
OXT SAH C . -3.03 -15.75 7.22
C5' SAH C . -10.33 -15.84 8.44
C4' SAH C . -10.25 -16.37 9.85
O4' SAH C . -11.26 -15.68 10.61
C3' SAH C . -10.52 -17.87 10.05
O3' SAH C . -9.49 -18.46 10.84
C2' SAH C . -11.87 -17.90 10.78
O2' SAH C . -11.98 -18.99 11.67
C1' SAH C . -11.80 -16.58 11.53
N9 SAH C . -13.06 -16.00 11.98
C8 SAH C . -14.28 -16.00 11.34
N7 SAH C . -15.22 -15.39 12.03
C5 SAH C . -14.59 -15.00 13.20
C6 SAH C . -15.04 -14.31 14.35
N6 SAH C . -16.31 -13.95 14.55
N1 SAH C . -14.14 -14.04 15.31
C2 SAH C . -12.88 -14.47 15.15
N3 SAH C . -12.34 -15.11 14.11
C4 SAH C . -13.26 -15.34 13.17
H3 SAH C . -5.36 -13.36 9.50
HN1 SAH C . -6.05 -13.00 8.19
HN2 SAH C . -4.54 -12.82 8.29
HA SAH C . -4.94 -15.35 8.83
HB1 SAH C . -6.19 -16.14 6.97
HB2 SAH C . -6.50 -14.65 6.53
HG1 SAH C . -7.96 -14.34 8.26
HG2 SAH C . -7.41 -15.59 9.07
H5'1 SAH C . -11.12 -16.19 8.04
H5'2 SAH C . -10.40 -14.90 8.49
H4' SAH C . -9.36 -16.15 10.22
H3' SAH C . -10.60 -18.34 9.18
HO3' SAH C . -9.46 -18.08 11.60
H2' SAH C . -12.63 -17.90 10.13
HO2' SAH C . -12.75 -18.96 12.05
H1' SAH C . -11.18 -16.68 12.30
H8 SAH C . -14.42 -16.39 10.49
HN61 SAH C . -16.53 -13.52 15.29
HN62 SAH C . -16.92 -14.14 13.94
H2 SAH C . -12.28 -14.25 15.86
MG MG D . -8.04 -12.41 3.94
OAA BAQ E . -3.46 -7.22 -0.41
CAF BAQ E . -3.39 -6.95 0.80
CAD BAQ E . -2.39 -6.07 1.46
CAB BAQ E . -2.64 -6.22 2.94
CAC BAQ E . -3.92 -7.07 3.08
NAE BAQ E . -4.24 -7.45 1.71
H1 BAQ E . -1.49 -6.35 1.22
H2 BAQ E . -2.52 -5.14 1.18
H3 BAQ E . -2.76 -5.34 3.37
H4 BAQ E . -1.87 -6.67 3.37
H5 BAQ E . -4.64 -6.54 3.49
H6 BAQ E . -3.75 -7.86 3.64
H7 BAQ E . -4.91 -7.97 1.50
MG MG F . 2.60 6.34 -13.66
N SAH G . 3.44 11.32 -11.70
CA SAH G . 2.44 11.85 -12.70
CB SAH G . 2.51 11.15 -14.05
CG SAH G . 3.89 11.18 -14.70
SD SAH G . 3.80 10.54 -16.41
C SAH G . 1.02 11.63 -12.16
O SAH G . 0.69 10.52 -11.66
OXT SAH G . 0.23 12.56 -12.22
C5' SAH G . 5.53 10.47 -16.88
C4' SAH G . 6.21 11.81 -16.97
O4' SAH G . 7.64 11.58 -16.97
C3' SAH G . 5.89 12.65 -18.23
O3' SAH G . 5.47 13.98 -17.91
C2' SAH G . 7.21 12.65 -19.00
O2' SAH G . 7.43 13.85 -19.71
C1' SAH G . 8.21 12.52 -17.84
N9 SAH G . 9.52 12.05 -18.22
C8 SAH G . 9.87 11.07 -19.12
N7 SAH G . 11.17 10.89 -19.22
C5 SAH G . 11.70 11.75 -18.28
C6 SAH G . 13.02 12.02 -17.87
N6 SAH G . 14.09 11.42 -18.42
N1 SAH G . 13.20 12.91 -16.89
C2 SAH G . 12.12 13.53 -16.37
N3 SAH G . 10.82 13.38 -16.67
C4 SAH G . 10.68 12.45 -17.63
H3 SAH G . 4.15 11.96 -11.58
HN1 SAH G . 3.79 10.53 -12.00
HN2 SAH G . 3.00 11.16 -10.86
HA SAH G . 2.59 12.82 -12.81
HB1 SAH G . 1.88 11.57 -14.65
HB2 SAH G . 2.25 10.22 -13.93
HG1 SAH G . 4.51 10.62 -14.18
HG2 SAH G . 4.23 12.09 -14.71
H5'1 SAH G . 5.60 10.03 -17.72
H5'2 SAH G . 6.00 9.94 -16.23
H4' SAH G . 5.97 12.34 -16.18
H3' SAH G . 5.19 12.21 -18.77
HO3' SAH G . 6.10 14.37 -17.48
H2' SAH G . 7.28 11.86 -19.61
HO2' SAH G . 8.17 13.81 -20.12
H1' SAH G . 8.28 13.38 -17.39
H8 SAH G . 9.24 10.63 -19.67
HN61 SAH G . 14.89 11.58 -18.09
HN62 SAH G . 13.98 10.86 -19.09
H2 SAH G . 12.30 14.16 -15.69
OAA BAQ H . -0.97 2.07 -7.60
CAF BAQ H . -0.14 2.90 -7.15
CAD BAQ H . -0.03 3.36 -5.74
CAB BAQ H . 0.93 4.55 -5.80
CAC BAQ H . 1.64 4.41 -7.14
NAE BAQ H . 0.76 3.53 -7.91
H1 BAQ H . -0.91 3.63 -5.40
H2 BAQ H . 0.33 2.65 -5.17
H3 BAQ H . 1.57 4.52 -5.05
H4 BAQ H . 0.43 5.41 -5.75
H5 BAQ H . 2.53 4.01 -7.03
H6 BAQ H . 1.75 5.29 -7.59
H7 BAQ H . 0.80 3.44 -8.77
#